data_6G96
#
_entry.id   6G96
#
_cell.length_a   64.786
_cell.length_b   71.202
_cell.length_c   86.313
_cell.angle_alpha   90.000
_cell.angle_beta   90.000
_cell.angle_gamma   90.000
#
_symmetry.space_group_name_H-M   'P 21 21 21'
#
loop_
_entity.id
_entity.type
_entity.pdbx_description
1 polymer Acetyltransferase
2 non-polymer 'ACETYL COENZYME *A'
3 non-polymer BICINE
4 non-polymer GLYCEROL
5 water water
#
_entity_poly.entity_id   1
_entity_poly.type   'polypeptide(L)'
_entity_poly.pdbx_seq_one_letter_code
;GSMFTDWHEAAIGKTHNRMNFDCGDADLNQFLQRHARQNHEKGTTKTYVALDNSDVTRIHGFYSVSPASLIYAQVPGAIS
KGLGRYDVPVFRLGRLAVDKSMQGQGLGAQLLLSAGKRCIQAALQVGGVALLIDAKNKQVCDWFKGFGAVPLNDQPLSLL
LSFKTLYAALSASGRL
;
_entity_poly.pdbx_strand_id   B,A
#
loop_
_chem_comp.id
_chem_comp.type
_chem_comp.name
_chem_comp.formula
ACO non-polymer 'ACETYL COENZYME *A' 'C23 H38 N7 O17 P3 S'
BCN non-polymer BICINE 'C6 H13 N O4'
GOL non-polymer GLYCEROL 'C3 H8 O3'
#
# COMPACT_ATOMS: atom_id res chain seq x y z
N MET A 3 -1.37 26.30 -18.28
CA MET A 3 -0.96 25.25 -17.36
CA MET A 3 -0.96 25.25 -17.36
C MET A 3 0.50 24.88 -17.61
N PHE A 4 1.32 24.95 -16.56
CA PHE A 4 2.75 24.66 -16.70
C PHE A 4 2.94 23.19 -16.99
N THR A 5 3.49 22.87 -18.16
CA THR A 5 3.67 21.48 -18.56
C THR A 5 5.08 21.17 -19.04
N ASP A 6 6.02 22.11 -18.91
CA ASP A 6 7.39 21.90 -19.41
C ASP A 6 8.27 21.25 -18.34
N TRP A 7 7.79 20.12 -17.83
CA TRP A 7 8.42 19.38 -16.75
C TRP A 7 8.22 17.88 -16.97
N HIS A 8 9.01 17.08 -16.26
CA HIS A 8 8.90 15.63 -16.31
C HIS A 8 9.08 15.08 -14.90
N GLU A 9 8.57 13.86 -14.68
CA GLU A 9 8.51 13.27 -13.35
C GLU A 9 9.60 12.22 -13.18
N ALA A 10 10.21 12.20 -11.98
CA ALA A 10 11.21 11.19 -11.64
C ALA A 10 11.16 10.90 -10.16
N ALA A 11 11.63 9.73 -9.77
CA ALA A 11 11.86 9.44 -8.36
C ALA A 11 12.96 10.36 -7.83
N ILE A 12 12.81 10.83 -6.59
CA ILE A 12 13.87 11.62 -5.97
C ILE A 12 15.18 10.83 -5.99
N GLY A 13 16.29 11.53 -6.24
CA GLY A 13 17.58 10.90 -6.31
C GLY A 13 18.71 11.85 -5.96
N LYS A 14 19.94 11.37 -6.12
CA LYS A 14 21.12 12.13 -5.69
C LYS A 14 21.50 13.26 -6.65
N THR A 15 20.95 13.30 -7.86
CA THR A 15 21.34 14.34 -8.80
C THR A 15 20.52 15.62 -8.63
N HIS A 16 19.40 15.56 -7.93
CA HIS A 16 18.46 16.67 -7.94
C HIS A 16 18.84 17.74 -6.92
N ASN A 17 18.47 18.98 -7.22
CA ASN A 17 18.82 20.08 -6.33
C ASN A 17 17.71 20.25 -5.31
N ARG A 18 17.93 19.68 -4.11
CA ARG A 18 16.95 19.79 -3.04
C ARG A 18 17.08 21.08 -2.23
N MET A 19 18.16 21.85 -2.43
CA MET A 19 18.36 23.10 -1.71
C MET A 19 17.60 24.23 -2.37
N ASN A 20 17.61 24.27 -3.70
CA ASN A 20 17.02 25.41 -4.42
C ASN A 20 15.54 25.17 -4.66
N PHE A 21 14.79 25.20 -3.56
CA PHE A 21 13.36 24.93 -3.60
C PHE A 21 12.73 25.59 -2.38
N ASP A 22 11.67 26.35 -2.60
CA ASP A 22 11.01 27.01 -1.47
C ASP A 22 9.55 27.12 -1.82
N CYS A 23 8.72 26.29 -1.20
CA CYS A 23 7.29 26.35 -1.43
C CYS A 23 6.60 27.31 -0.48
N GLY A 24 7.36 27.99 0.37
CA GLY A 24 6.81 28.91 1.34
C GLY A 24 6.39 28.27 2.64
N ASP A 25 6.57 26.96 2.77
CA ASP A 25 6.33 26.22 4.01
C ASP A 25 7.64 25.59 4.43
N ALA A 26 8.13 25.98 5.61
CA ALA A 26 9.45 25.54 6.05
C ALA A 26 9.48 24.04 6.32
N ASP A 27 8.38 23.48 6.84
CA ASP A 27 8.38 22.05 7.14
C ASP A 27 8.51 21.23 5.86
N LEU A 28 7.87 21.67 4.78
CA LEU A 28 7.94 20.93 3.52
C LEU A 28 9.29 21.10 2.85
N ASN A 29 9.87 22.31 2.87
CA ASN A 29 11.23 22.49 2.39
C ASN A 29 12.20 21.59 3.17
N GLN A 30 12.06 21.57 4.50
CA GLN A 30 12.98 20.78 5.31
C GLN A 30 12.80 19.30 5.05
N PHE A 31 11.57 18.87 4.77
CA PHE A 31 11.37 17.48 4.42
C PHE A 31 12.13 17.14 3.15
N LEU A 32 12.00 17.98 2.12
CA LEU A 32 12.69 17.71 0.86
C LEU A 32 14.21 17.69 1.07
N GLN A 33 14.72 18.64 1.86
CA GLN A 33 16.16 18.74 2.09
C GLN A 33 16.70 17.55 2.89
N ARG A 34 16.01 17.17 3.97
CA ARG A 34 16.60 16.31 5.00
C ARG A 34 16.12 14.87 4.91
N HIS A 35 14.91 14.63 4.42
CA HIS A 35 14.26 13.35 4.64
C HIS A 35 13.80 12.64 3.37
N ALA A 36 13.42 13.38 2.32
CA ALA A 36 12.79 12.75 1.16
C ALA A 36 13.64 11.63 0.56
N ARG A 37 14.92 11.91 0.26
CA ARG A 37 15.72 10.91 -0.42
C ARG A 37 16.02 9.70 0.48
N GLN A 38 16.38 9.96 1.74
CA GLN A 38 16.67 8.84 2.64
C GLN A 38 15.42 8.00 2.91
N ASN A 39 14.25 8.65 3.06
CA ASN A 39 13.02 7.89 3.28
C ASN A 39 12.65 7.06 2.06
N HIS A 40 12.92 7.58 0.87
CA HIS A 40 12.68 6.85 -0.37
C HIS A 40 13.53 5.60 -0.42
N GLU A 41 14.82 5.71 -0.07
CA GLU A 41 15.68 4.54 -0.12
C GLU A 41 15.33 3.57 0.98
N LYS A 42 14.88 4.07 2.14
CA LYS A 42 14.46 3.16 3.21
C LYS A 42 13.10 2.51 2.92
N GLY A 43 12.29 3.11 2.04
CA GLY A 43 11.00 2.56 1.70
C GLY A 43 9.83 3.05 2.53
N THR A 44 10.05 4.01 3.45
CA THR A 44 8.96 4.48 4.31
C THR A 44 8.03 5.47 3.61
N THR A 45 8.52 6.20 2.62
CA THR A 45 7.68 7.00 1.74
CA THR A 45 7.70 7.06 1.76
C THR A 45 8.45 7.23 0.46
N LYS A 46 7.73 7.16 -0.66
CA LYS A 46 8.34 7.36 -1.97
C LYS A 46 8.02 8.77 -2.43
N THR A 47 9.04 9.50 -2.86
CA THR A 47 8.89 10.89 -3.27
C THR A 47 9.23 11.01 -4.75
N TYR A 48 8.38 11.74 -5.47
CA TYR A 48 8.53 11.97 -6.90
C TYR A 48 8.59 13.46 -7.15
N VAL A 49 9.52 13.89 -8.00
CA VAL A 49 9.77 15.30 -8.25
C VAL A 49 9.35 15.67 -9.67
N ALA A 50 8.89 16.92 -9.82
CA ALA A 50 8.64 17.53 -11.11
C ALA A 50 9.88 18.34 -11.47
N LEU A 51 10.55 17.94 -12.53
CA LEU A 51 11.84 18.49 -12.92
C LEU A 51 11.67 19.33 -14.17
N ASP A 52 12.35 20.46 -14.21
CA ASP A 52 12.28 21.30 -15.39
C ASP A 52 12.85 20.56 -16.60
N ASN A 53 12.17 20.68 -17.74
CA ASN A 53 12.69 20.04 -18.95
C ASN A 53 14.01 20.64 -19.42
N SER A 54 14.32 21.89 -19.04
CA SER A 54 15.59 22.52 -19.42
C SER A 54 16.70 22.31 -18.40
N ASP A 55 16.41 21.67 -17.26
CA ASP A 55 17.40 21.53 -16.20
C ASP A 55 16.96 20.37 -15.32
N VAL A 56 17.59 19.22 -15.52
CA VAL A 56 17.17 17.99 -14.86
C VAL A 56 17.52 17.99 -13.37
N THR A 57 18.16 19.04 -12.89
CA THR A 57 18.37 19.15 -11.45
C THR A 57 17.37 20.06 -10.77
N ARG A 58 16.55 20.78 -11.53
CA ARG A 58 15.67 21.81 -10.97
C ARG A 58 14.33 21.20 -10.57
N ILE A 59 14.04 21.19 -9.27
CA ILE A 59 12.78 20.68 -8.75
C ILE A 59 11.77 21.82 -8.71
N HIS A 60 10.67 21.68 -9.47
CA HIS A 60 9.57 22.64 -9.39
C HIS A 60 8.49 22.24 -8.38
N GLY A 61 8.42 20.96 -8.03
CA GLY A 61 7.43 20.49 -7.08
C GLY A 61 7.68 19.02 -6.81
N PHE A 62 6.97 18.51 -5.81
CA PHE A 62 7.14 17.09 -5.46
C PHE A 62 5.91 16.61 -4.72
N TYR A 63 5.77 15.28 -4.69
CA TYR A 63 4.80 14.65 -3.81
C TYR A 63 5.41 13.40 -3.20
N SER A 64 4.79 12.92 -2.12
CA SER A 64 5.30 11.75 -1.39
C SER A 64 4.11 10.89 -0.98
N VAL A 65 4.26 9.57 -1.11
CA VAL A 65 3.17 8.65 -0.79
C VAL A 65 3.67 7.47 0.04
N SER A 66 2.72 6.82 0.71
CA SER A 66 3.03 5.60 1.47
C SER A 66 1.73 4.86 1.73
N PRO A 67 1.77 3.54 1.88
CA PRO A 67 0.56 2.79 2.25
C PRO A 67 0.15 3.11 3.69
N ALA A 68 -1.15 3.03 3.95
CA ALA A 68 -1.68 3.34 5.28
C ALA A 68 -3.03 2.66 5.43
N SER A 69 -3.53 2.71 6.65
CA SER A 69 -4.90 2.28 6.87
C SER A 69 -5.56 3.21 7.87
N LEU A 70 -6.89 3.26 7.78
CA LEU A 70 -7.72 4.08 8.64
C LEU A 70 -8.74 3.19 9.32
N ILE A 71 -8.95 3.41 10.62
CA ILE A 71 -9.97 2.66 11.31
CA ILE A 71 -9.98 2.68 11.35
C ILE A 71 -11.35 3.00 10.76
N TYR A 72 -12.23 1.99 10.75
CA TYR A 72 -13.59 2.15 10.23
C TYR A 72 -14.25 3.42 10.72
N ALA A 73 -14.11 3.74 12.00
CA ALA A 73 -14.87 4.82 12.63
C ALA A 73 -14.56 6.19 12.02
N GLN A 74 -13.39 6.35 11.40
CA GLN A 74 -13.02 7.65 10.86
C GLN A 74 -13.56 7.89 9.45
N VAL A 75 -13.99 6.86 8.75
CA VAL A 75 -14.28 6.94 7.32
C VAL A 75 -15.79 7.13 7.15
N PRO A 76 -16.23 8.24 6.58
CA PRO A 76 -17.68 8.44 6.39
C PRO A 76 -18.24 7.39 5.45
N GLY A 77 -19.37 6.81 5.87
CA GLY A 77 -20.05 5.81 5.06
C GLY A 77 -19.38 4.45 5.00
N ALA A 78 -18.42 4.18 5.88
CA ALA A 78 -17.75 2.88 5.88
C ALA A 78 -18.73 1.80 6.31
N ILE A 79 -18.99 0.85 5.42
CA ILE A 79 -19.91 -0.26 5.66
C ILE A 79 -19.11 -1.52 5.93
N SER A 80 -19.48 -2.24 6.97
CA SER A 80 -18.75 -3.41 7.44
C SER A 80 -19.33 -4.68 6.85
N LYS A 81 -18.45 -5.63 6.51
CA LYS A 81 -18.88 -6.98 6.19
C LYS A 81 -18.81 -7.91 7.40
N GLY A 82 -18.18 -7.48 8.50
CA GLY A 82 -18.14 -8.25 9.72
C GLY A 82 -18.55 -7.40 10.92
N LEU A 83 -18.55 -8.05 12.08
CA LEU A 83 -18.85 -7.39 13.34
C LEU A 83 -17.63 -6.77 13.99
N GLY A 84 -16.43 -7.15 13.56
CA GLY A 84 -15.21 -6.75 14.23
C GLY A 84 -14.60 -5.48 13.65
N ARG A 85 -13.52 -5.05 14.29
CA ARG A 85 -12.79 -3.87 13.82
C ARG A 85 -12.16 -4.17 12.47
N TYR A 86 -12.18 -3.17 11.59
CA TYR A 86 -11.59 -3.31 10.27
C TYR A 86 -11.01 -1.98 9.86
N ASP A 87 -10.08 -2.04 8.93
CA ASP A 87 -9.42 -0.86 8.39
C ASP A 87 -9.87 -0.64 6.96
N VAL A 88 -9.89 0.63 6.57
CA VAL A 88 -10.03 1.02 5.17
C VAL A 88 -8.61 1.21 4.62
N PRO A 89 -8.23 0.48 3.56
CA PRO A 89 -6.84 0.54 3.05
C PRO A 89 -6.70 1.74 2.13
N VAL A 90 -5.67 2.55 2.36
CA VAL A 90 -5.47 3.78 1.61
C VAL A 90 -3.99 3.96 1.32
N PHE A 91 -3.68 5.00 0.56
CA PHE A 91 -2.32 5.51 0.48
C PHE A 91 -2.33 6.94 0.97
N ARG A 92 -1.47 7.25 1.92
CA ARG A 92 -1.31 8.61 2.38
C ARG A 92 -0.59 9.43 1.32
N LEU A 93 -1.15 10.60 0.99
CA LEU A 93 -0.41 11.64 0.28
C LEU A 93 0.23 12.47 1.39
N GLY A 94 1.47 12.10 1.75
CA GLY A 94 2.09 12.71 2.91
C GLY A 94 2.63 14.09 2.65
N ARG A 95 3.01 14.38 1.42
CA ARG A 95 3.57 15.69 1.06
C ARG A 95 3.15 16.03 -0.34
N LEU A 96 2.91 17.32 -0.56
CA LEU A 96 2.65 17.89 -1.87
C LEU A 96 3.07 19.34 -1.81
N ALA A 97 3.94 19.74 -2.73
CA ALA A 97 4.46 21.10 -2.66
C ALA A 97 4.95 21.53 -4.02
N VAL A 98 4.81 22.83 -4.29
CA VAL A 98 5.24 23.48 -5.52
C VAL A 98 6.05 24.72 -5.15
N ASP A 99 7.15 24.95 -5.84
CA ASP A 99 7.97 26.12 -5.55
C ASP A 99 7.14 27.40 -5.68
N LYS A 100 7.41 28.35 -4.78
CA LYS A 100 6.60 29.56 -4.73
CA LYS A 100 6.62 29.58 -4.73
C LYS A 100 6.62 30.31 -6.06
N SER A 101 7.74 30.27 -6.78
CA SER A 101 7.82 30.96 -8.07
C SER A 101 6.94 30.32 -9.14
N MET A 102 6.48 29.09 -8.92
CA MET A 102 5.73 28.34 -9.92
C MET A 102 4.27 28.11 -9.53
N GLN A 103 3.82 28.68 -8.41
CA GLN A 103 2.50 28.36 -7.90
C GLN A 103 1.42 29.00 -8.75
N GLY A 104 0.23 28.39 -8.74
CA GLY A 104 -0.92 28.90 -9.47
C GLY A 104 -0.97 28.54 -10.94
N GLN A 105 -0.06 27.69 -11.42
CA GLN A 105 0.07 27.28 -12.81
C GLN A 105 -0.33 25.83 -13.04
N GLY A 106 -1.08 25.26 -12.11
CA GLY A 106 -1.59 23.93 -12.27
C GLY A 106 -0.63 22.80 -11.98
N LEU A 107 0.59 23.09 -11.51
CA LEU A 107 1.50 21.99 -11.20
C LEU A 107 1.02 21.18 -10.00
N GLY A 108 0.49 21.85 -8.97
CA GLY A 108 -0.02 21.11 -7.84
C GLY A 108 -1.15 20.18 -8.22
N ALA A 109 -2.09 20.67 -9.04
CA ALA A 109 -3.17 19.84 -9.53
C ALA A 109 -2.63 18.65 -10.34
N GLN A 110 -1.62 18.90 -11.19
CA GLN A 110 -1.06 17.81 -12.00
C GLN A 110 -0.36 16.78 -11.13
N LEU A 111 0.34 17.23 -10.09
CA LEU A 111 1.01 16.26 -9.23
C LEU A 111 0.02 15.49 -8.38
N LEU A 112 -1.08 16.11 -7.94
CA LEU A 112 -2.12 15.37 -7.24
C LEU A 112 -2.65 14.23 -8.11
N LEU A 113 -2.97 14.53 -9.38
CA LEU A 113 -3.46 13.47 -10.26
CA LEU A 113 -3.45 13.49 -10.28
C LEU A 113 -2.39 12.43 -10.54
N SER A 114 -1.12 12.83 -10.59
CA SER A 114 -0.06 11.86 -10.80
C SER A 114 0.08 10.94 -9.59
N ALA A 115 0.05 11.51 -8.39
CA ALA A 115 0.04 10.70 -7.18
C ALA A 115 -1.14 9.74 -7.19
N GLY A 116 -2.33 10.21 -7.56
CA GLY A 116 -3.47 9.31 -7.61
C GLY A 116 -3.29 8.20 -8.62
N LYS A 117 -2.77 8.52 -9.80
N LYS A 117 -2.78 8.53 -9.81
CA LYS A 117 -2.56 7.51 -10.82
CA LYS A 117 -2.54 7.51 -10.83
C LYS A 117 -1.55 6.45 -10.36
C LYS A 117 -1.57 6.45 -10.34
N ARG A 118 -0.46 6.89 -9.74
CA ARG A 118 0.56 5.96 -9.29
C ARG A 118 0.02 5.03 -8.22
N CYS A 119 -0.79 5.56 -7.31
CA CYS A 119 -1.36 4.75 -6.24
C CYS A 119 -2.44 3.82 -6.76
N ILE A 120 -3.29 4.30 -7.68
CA ILE A 120 -4.29 3.43 -8.31
C ILE A 120 -3.62 2.25 -8.99
N GLN A 121 -2.52 2.50 -9.71
CA GLN A 121 -1.84 1.43 -10.41
C GLN A 121 -1.26 0.41 -9.44
N ALA A 122 -0.67 0.89 -8.33
CA ALA A 122 -0.19 -0.04 -7.31
C ALA A 122 -1.33 -0.81 -6.67
N ALA A 123 -2.46 -0.14 -6.42
CA ALA A 123 -3.60 -0.78 -5.81
C ALA A 123 -4.18 -1.89 -6.67
N LEU A 124 -3.95 -1.86 -7.99
CA LEU A 124 -4.44 -2.96 -8.82
C LEU A 124 -3.76 -4.26 -8.45
N GLN A 125 -2.57 -4.16 -7.87
CA GLN A 125 -1.83 -5.33 -7.42
C GLN A 125 -2.10 -5.66 -5.96
N VAL A 126 -2.16 -4.65 -5.09
CA VAL A 126 -2.08 -4.86 -3.65
C VAL A 126 -3.19 -4.19 -2.87
N GLY A 127 -4.15 -3.56 -3.52
CA GLY A 127 -5.29 -2.99 -2.84
C GLY A 127 -5.11 -1.54 -2.42
N GLY A 128 -6.21 -0.97 -1.93
CA GLY A 128 -6.28 0.44 -1.58
C GLY A 128 -7.41 1.11 -2.34
N VAL A 129 -8.10 2.06 -1.71
CA VAL A 129 -9.31 2.64 -2.29
C VAL A 129 -9.29 4.16 -2.33
N ALA A 130 -8.30 4.82 -1.75
CA ALA A 130 -8.34 6.29 -1.66
C ALA A 130 -6.97 6.82 -1.27
N LEU A 131 -6.78 8.12 -1.50
CA LEU A 131 -5.67 8.88 -0.93
C LEU A 131 -6.13 9.53 0.37
N LEU A 132 -5.28 9.46 1.39
CA LEU A 132 -5.52 10.10 2.68
C LEU A 132 -4.60 11.31 2.77
N ILE A 133 -5.17 12.48 3.09
CA ILE A 133 -4.48 13.77 3.05
C ILE A 133 -4.72 14.48 4.37
N ASP A 134 -3.65 14.89 5.05
CA ASP A 134 -3.79 15.73 6.24
C ASP A 134 -3.50 17.17 5.81
N ALA A 135 -4.56 17.98 5.72
CA ALA A 135 -4.43 19.35 5.23
C ALA A 135 -3.79 20.25 6.28
N LYS A 136 -2.90 21.12 5.82
N LYS A 136 -2.90 21.12 5.83
CA LYS A 136 -2.14 21.98 6.72
CA LYS A 136 -2.15 21.98 6.73
C LYS A 136 -3.05 22.99 7.41
C LYS A 136 -3.05 23.00 7.41
N ASN A 137 -4.00 23.56 6.68
CA ASN A 137 -4.87 24.60 7.20
C ASN A 137 -6.16 24.62 6.37
N LYS A 138 -7.05 25.55 6.69
CA LYS A 138 -8.33 25.64 6.00
C LYS A 138 -8.14 25.93 4.53
N GLN A 139 -7.17 26.78 4.20
CA GLN A 139 -6.93 27.15 2.80
CA GLN A 139 -6.90 27.16 2.81
C GLN A 139 -6.51 25.95 1.98
N VAL A 140 -5.56 25.16 2.49
CA VAL A 140 -5.14 23.94 1.81
C VAL A 140 -6.27 22.92 1.82
N CYS A 141 -7.01 22.84 2.93
CA CYS A 141 -8.15 21.92 3.00
C CYS A 141 -9.14 22.20 1.89
N ASP A 142 -9.48 23.48 1.69
CA ASP A 142 -10.41 23.84 0.63
C ASP A 142 -9.85 23.51 -0.75
N TRP A 143 -8.52 23.63 -0.93
CA TRP A 143 -7.91 23.27 -2.20
C TRP A 143 -8.17 21.81 -2.51
N PHE A 144 -7.90 20.92 -1.56
CA PHE A 144 -8.16 19.51 -1.80
C PHE A 144 -9.65 19.25 -1.96
N LYS A 145 -10.50 19.96 -1.20
CA LYS A 145 -11.94 19.77 -1.35
C LYS A 145 -12.39 20.13 -2.75
N GLY A 146 -11.68 21.07 -3.39
CA GLY A 146 -11.96 21.41 -4.78
C GLY A 146 -11.83 20.26 -5.75
N PHE A 147 -11.11 19.19 -5.39
CA PHE A 147 -11.02 17.99 -6.21
C PHE A 147 -11.93 16.88 -5.73
N GLY A 148 -12.81 17.14 -4.75
CA GLY A 148 -13.72 16.15 -4.25
C GLY A 148 -13.25 15.41 -3.01
N ALA A 149 -12.21 15.90 -2.35
CA ALA A 149 -11.77 15.27 -1.12
C ALA A 149 -12.80 15.56 -0.01
N VAL A 150 -13.04 14.54 0.81
CA VAL A 150 -14.09 14.57 1.84
C VAL A 150 -13.44 14.39 3.20
N PRO A 151 -13.83 15.16 4.22
CA PRO A 151 -13.16 15.03 5.52
C PRO A 151 -13.54 13.75 6.25
N LEU A 152 -12.61 13.32 7.11
CA LEU A 152 -12.87 12.24 8.04
C LEU A 152 -13.91 12.69 9.07
N ASN A 153 -14.46 11.71 9.80
CA ASN A 153 -15.65 11.96 10.59
C ASN A 153 -15.40 12.98 11.71
N ASP A 154 -14.31 12.82 12.45
CA ASP A 154 -14.03 13.72 13.57
C ASP A 154 -12.70 14.47 13.41
N GLN A 155 -12.18 14.57 12.18
CA GLN A 155 -10.98 15.36 11.91
C GLN A 155 -11.20 16.16 10.64
N PRO A 156 -11.63 17.42 10.77
CA PRO A 156 -12.04 18.19 9.58
C PRO A 156 -10.91 18.51 8.62
N LEU A 157 -9.65 18.47 9.07
CA LEU A 157 -8.51 18.77 8.21
C LEU A 157 -7.91 17.52 7.57
N SER A 158 -8.39 16.33 7.92
CA SER A 158 -7.93 15.11 7.27
C SER A 158 -8.98 14.70 6.25
N LEU A 159 -8.56 14.39 5.03
CA LEU A 159 -9.47 14.18 3.92
CA LEU A 159 -9.47 14.18 3.92
C LEU A 159 -9.17 12.86 3.23
N LEU A 160 -10.20 12.29 2.60
CA LEU A 160 -10.06 11.15 1.72
C LEU A 160 -10.47 11.57 0.32
N LEU A 161 -9.62 11.26 -0.65
CA LEU A 161 -9.92 11.47 -2.07
C LEU A 161 -10.03 10.09 -2.72
N SER A 162 -11.25 9.69 -3.04
N SER A 162 -11.26 9.67 -3.03
CA SER A 162 -11.49 8.31 -3.48
CA SER A 162 -11.49 8.31 -3.46
C SER A 162 -10.82 8.04 -4.82
C SER A 162 -10.84 8.03 -4.81
N PHE A 163 -10.40 6.79 -4.99
CA PHE A 163 -9.88 6.37 -6.29
C PHE A 163 -10.98 6.36 -7.35
N LYS A 164 -12.23 6.18 -6.94
CA LYS A 164 -13.33 6.30 -7.90
C LYS A 164 -13.29 7.66 -8.58
N THR A 165 -13.07 8.71 -7.81
CA THR A 165 -13.01 10.07 -8.34
C THR A 165 -11.80 10.25 -9.24
N LEU A 166 -10.63 9.87 -8.74
CA LEU A 166 -9.38 10.03 -9.48
C LEU A 166 -9.36 9.23 -10.78
N TYR A 167 -9.87 7.99 -10.76
CA TYR A 167 -9.81 7.18 -11.96
C TYR A 167 -10.63 7.79 -13.07
N ALA A 168 -11.80 8.33 -12.74
CA ALA A 168 -12.66 8.93 -13.74
C ALA A 168 -11.91 10.02 -14.50
N ALA A 169 -11.17 10.85 -13.78
CA ALA A 169 -10.45 11.94 -14.43
C ALA A 169 -9.29 11.41 -15.26
N LEU A 170 -8.52 10.46 -14.70
CA LEU A 170 -7.37 9.94 -15.43
C LEU A 170 -7.78 9.16 -16.67
N SER A 171 -8.90 8.44 -16.60
CA SER A 171 -9.39 7.74 -17.77
C SER A 171 -9.89 8.73 -18.82
N ALA A 172 -10.59 9.78 -18.39
CA ALA A 172 -11.11 10.78 -19.31
C ALA A 172 -9.99 11.52 -20.05
N SER A 173 -8.86 11.76 -19.38
CA SER A 173 -7.74 12.46 -19.98
C SER A 173 -6.79 11.54 -20.74
N GLY A 174 -7.03 10.24 -20.74
CA GLY A 174 -6.20 9.28 -21.43
C GLY A 174 -4.98 8.79 -20.66
N ARG A 175 -4.82 9.21 -19.39
CA ARG A 175 -3.66 8.81 -18.62
C ARG A 175 -3.76 7.38 -18.12
N LEU A 176 -4.97 6.87 -17.93
CA LEU A 176 -5.17 5.45 -17.61
C LEU A 176 -6.17 4.88 -18.60
N SER B 2 9.96 -32.82 -3.04
CA SER B 2 8.65 -33.10 -2.46
C SER B 2 7.72 -31.87 -2.48
N MET B 3 8.30 -30.68 -2.69
CA MET B 3 7.51 -29.46 -2.69
C MET B 3 6.58 -29.41 -3.89
N PHE B 4 5.30 -29.10 -3.65
CA PHE B 4 4.30 -29.09 -4.72
C PHE B 4 4.48 -27.86 -5.60
N THR B 5 4.74 -28.08 -6.90
CA THR B 5 4.98 -26.99 -7.84
C THR B 5 4.12 -27.04 -9.09
N ASP B 6 3.20 -28.02 -9.20
CA ASP B 6 2.37 -28.15 -10.40
CA ASP B 6 2.35 -28.17 -10.37
C ASP B 6 1.11 -27.29 -10.27
N TRP B 7 1.34 -26.00 -10.02
CA TRP B 7 0.27 -25.03 -9.84
C TRP B 7 0.72 -23.72 -10.48
N HIS B 8 -0.25 -22.82 -10.68
CA HIS B 8 0.03 -21.49 -11.19
C HIS B 8 -0.83 -20.49 -10.42
N GLU B 9 -0.37 -19.25 -10.41
CA GLU B 9 -0.97 -18.19 -9.60
C GLU B 9 -1.81 -17.27 -10.48
N ALA B 10 -2.97 -16.89 -9.97
CA ALA B 10 -3.80 -15.93 -10.67
C ALA B 10 -4.62 -15.13 -9.66
N ALA B 11 -5.13 -13.99 -10.10
CA ALA B 11 -6.08 -13.29 -9.26
C ALA B 11 -7.37 -14.10 -9.18
N ILE B 12 -8.03 -14.03 -8.02
CA ILE B 12 -9.33 -14.70 -7.86
C ILE B 12 -10.27 -14.24 -8.98
N GLY B 13 -11.08 -15.17 -9.48
CA GLY B 13 -11.94 -14.86 -10.61
C GLY B 13 -13.20 -15.69 -10.56
N LYS B 14 -14.08 -15.43 -11.54
CA LYS B 14 -15.40 -16.04 -11.55
C LYS B 14 -15.37 -17.52 -11.95
N THR B 15 -14.29 -17.99 -12.56
CA THR B 15 -14.28 -19.38 -13.02
C THR B 15 -13.82 -20.35 -11.95
N HIS B 16 -13.25 -19.86 -10.85
CA HIS B 16 -12.60 -20.72 -9.88
C HIS B 16 -13.59 -21.33 -8.89
N ASN B 17 -13.27 -22.54 -8.44
CA ASN B 17 -14.17 -23.23 -7.52
C ASN B 17 -13.89 -22.79 -6.08
N ARG B 18 -14.61 -21.76 -5.64
CA ARG B 18 -14.49 -21.30 -4.26
C ARG B 18 -15.25 -22.17 -3.28
N MET B 19 -16.19 -22.98 -3.76
N MET B 19 -16.21 -22.98 -3.74
CA MET B 19 -16.98 -23.82 -2.86
CA MET B 19 -16.97 -23.83 -2.83
C MET B 19 -16.16 -25.01 -2.34
C MET B 19 -16.15 -25.02 -2.34
N ASN B 20 -15.41 -25.67 -3.22
CA ASN B 20 -14.66 -26.87 -2.88
C ASN B 20 -13.28 -26.53 -2.35
N PHE B 21 -13.25 -25.74 -1.29
CA PHE B 21 -12.00 -25.39 -0.64
C PHE B 21 -12.23 -25.54 0.84
N ASP B 22 -11.33 -26.24 1.51
CA ASP B 22 -11.45 -26.37 2.96
C ASP B 22 -10.03 -26.46 3.47
N CYS B 23 -9.58 -25.37 4.10
CA CYS B 23 -8.27 -25.34 4.75
C CYS B 23 -8.34 -25.76 6.21
N GLY B 24 -9.54 -26.06 6.72
CA GLY B 24 -9.70 -26.45 8.11
C GLY B 24 -10.12 -25.34 9.03
N ASP B 25 -10.18 -24.10 8.54
CA ASP B 25 -10.62 -22.96 9.30
C ASP B 25 -11.83 -22.36 8.61
N ALA B 26 -12.97 -22.38 9.30
CA ALA B 26 -14.21 -21.98 8.67
C ALA B 26 -14.17 -20.53 8.24
N ASP B 27 -13.50 -19.67 9.03
CA ASP B 27 -13.47 -18.25 8.71
C ASP B 27 -12.73 -17.97 7.41
N LEU B 28 -11.60 -18.65 7.20
CA LEU B 28 -10.88 -18.49 5.94
C LEU B 28 -11.66 -19.08 4.77
N ASN B 29 -12.26 -20.26 4.94
CA ASN B 29 -13.11 -20.81 3.90
C ASN B 29 -14.23 -19.84 3.54
N GLN B 30 -14.93 -19.32 4.55
CA GLN B 30 -16.02 -18.38 4.28
C GLN B 30 -15.54 -17.10 3.64
N PHE B 31 -14.35 -16.61 3.99
CA PHE B 31 -13.83 -15.43 3.31
C PHE B 31 -13.67 -15.70 1.82
N LEU B 32 -13.09 -16.86 1.48
CA LEU B 32 -12.94 -17.19 0.07
C LEU B 32 -14.29 -17.29 -0.61
N GLN B 33 -15.26 -17.91 0.05
CA GLN B 33 -16.57 -18.13 -0.54
C GLN B 33 -17.32 -16.81 -0.73
N ARG B 34 -17.32 -15.96 0.29
CA ARG B 34 -18.27 -14.85 0.35
C ARG B 34 -17.66 -13.52 -0.05
N HIS B 35 -16.37 -13.33 0.23
CA HIS B 35 -15.82 -11.98 0.23
C HIS B 35 -14.66 -11.77 -0.72
N ALA B 36 -13.83 -12.79 -0.97
CA ALA B 36 -12.58 -12.58 -1.69
C ALA B 36 -12.80 -11.91 -3.04
N ARG B 37 -13.72 -12.44 -3.86
CA ARG B 37 -13.85 -11.90 -5.21
C ARG B 37 -14.44 -10.50 -5.21
N GLN B 38 -15.48 -10.27 -4.41
CA GLN B 38 -16.06 -8.93 -4.34
C GLN B 38 -15.08 -7.90 -3.78
N ASN B 39 -14.33 -8.27 -2.73
CA ASN B 39 -13.32 -7.36 -2.19
C ASN B 39 -12.23 -7.06 -3.22
N HIS B 40 -11.85 -8.06 -4.00
CA HIS B 40 -10.84 -7.86 -5.04
C HIS B 40 -11.33 -6.84 -6.05
N GLU B 41 -12.58 -6.97 -6.50
CA GLU B 41 -13.09 -6.01 -7.46
CA GLU B 41 -13.12 -6.00 -7.46
C GLU B 41 -13.22 -4.61 -6.85
N LYS B 42 -13.63 -4.53 -5.58
CA LYS B 42 -13.75 -3.23 -4.91
CA LYS B 42 -13.75 -3.24 -4.90
C LYS B 42 -12.39 -2.62 -4.60
N GLY B 43 -11.34 -3.42 -4.52
CA GLY B 43 -10.02 -2.91 -4.17
C GLY B 43 -9.69 -2.91 -2.69
N THR B 44 -10.56 -3.42 -1.82
CA THR B 44 -10.26 -3.38 -0.40
C THR B 44 -9.21 -4.40 0.01
N THR B 45 -9.11 -5.51 -0.73
CA THR B 45 -8.01 -6.45 -0.56
C THR B 45 -7.92 -7.28 -1.82
N LYS B 46 -6.71 -7.58 -2.26
CA LYS B 46 -6.50 -8.36 -3.46
C LYS B 46 -6.16 -9.79 -3.08
N THR B 47 -6.86 -10.76 -3.68
CA THR B 47 -6.69 -12.18 -3.37
C THR B 47 -6.12 -12.91 -4.57
N TYR B 48 -5.08 -13.70 -4.34
CA TYR B 48 -4.45 -14.49 -5.37
C TYR B 48 -4.58 -15.95 -5.01
N VAL B 49 -4.89 -16.77 -6.01
CA VAL B 49 -5.13 -18.19 -5.82
C VAL B 49 -4.02 -19.00 -6.48
N ALA B 50 -3.71 -20.13 -5.86
CA ALA B 50 -2.86 -21.15 -6.45
C ALA B 50 -3.79 -22.16 -7.11
N LEU B 51 -3.73 -22.25 -8.44
CA LEU B 51 -4.63 -23.09 -9.22
C LEU B 51 -3.92 -24.34 -9.71
N ASP B 52 -4.66 -25.45 -9.74
CA ASP B 52 -4.08 -26.67 -10.27
C ASP B 52 -3.78 -26.52 -11.76
N ASN B 53 -2.62 -27.04 -12.18
CA ASN B 53 -2.23 -26.90 -13.58
C ASN B 53 -3.10 -27.74 -14.50
N SER B 54 -3.67 -28.84 -13.99
CA SER B 54 -4.52 -29.70 -14.81
C SER B 54 -5.98 -29.27 -14.76
N ASP B 55 -6.52 -29.06 -13.56
CA ASP B 55 -7.90 -28.59 -13.36
C ASP B 55 -7.82 -27.13 -12.91
N VAL B 56 -7.97 -26.21 -13.86
CA VAL B 56 -7.75 -24.79 -13.56
C VAL B 56 -8.86 -24.16 -12.73
N THR B 57 -9.91 -24.91 -12.40
CA THR B 57 -10.92 -24.45 -11.46
C THR B 57 -10.57 -24.81 -10.02
N ARG B 58 -9.62 -25.71 -9.80
CA ARG B 58 -9.33 -26.20 -8.45
C ARG B 58 -8.36 -25.23 -7.75
N ILE B 59 -8.79 -24.72 -6.60
CA ILE B 59 -7.98 -23.80 -5.81
C ILE B 59 -7.24 -24.62 -4.76
N HIS B 60 -5.91 -24.60 -4.83
CA HIS B 60 -5.10 -25.29 -3.83
C HIS B 60 -4.80 -24.43 -2.62
N GLY B 61 -4.80 -23.11 -2.79
CA GLY B 61 -4.55 -22.20 -1.68
C GLY B 61 -4.73 -20.79 -2.17
N PHE B 62 -4.66 -19.84 -1.24
CA PHE B 62 -4.78 -18.43 -1.60
C PHE B 62 -4.12 -17.57 -0.55
N TYR B 63 -3.85 -16.32 -0.94
CA TYR B 63 -3.47 -15.28 0.01
C TYR B 63 -4.16 -13.98 -0.39
N SER B 64 -4.19 -13.03 0.54
CA SER B 64 -4.87 -11.75 0.34
C SER B 64 -4.05 -10.67 1.03
N VAL B 65 -3.90 -9.52 0.34
CA VAL B 65 -3.09 -8.41 0.83
C VAL B 65 -3.85 -7.09 0.72
N SER B 66 -3.36 -6.10 1.48
CA SER B 66 -3.91 -4.75 1.45
C SER B 66 -2.88 -3.80 2.08
N PRO B 67 -2.87 -2.53 1.70
CA PRO B 67 -1.97 -1.58 2.36
C PRO B 67 -2.44 -1.26 3.77
N ALA B 68 -1.48 -0.97 4.66
CA ALA B 68 -1.80 -0.68 6.05
C ALA B 68 -0.66 0.14 6.66
N SER B 69 -0.86 0.57 7.91
CA SER B 69 0.21 1.21 8.66
C SER B 69 0.06 0.85 10.14
N LEU B 70 1.16 1.02 10.88
CA LEU B 70 1.20 0.77 12.32
C LEU B 70 1.76 1.99 13.02
N ILE B 71 1.37 2.18 14.29
CA ILE B 71 1.97 3.27 15.06
C ILE B 71 3.34 2.84 15.56
N TYR B 72 4.20 3.83 15.78
CA TYR B 72 5.59 3.56 16.16
C TYR B 72 5.67 2.64 17.39
N ALA B 73 4.79 2.87 18.38
CA ALA B 73 4.84 2.10 19.61
C ALA B 73 4.68 0.60 19.40
N GLN B 74 4.05 0.17 18.29
CA GLN B 74 3.84 -1.25 18.07
C GLN B 74 5.04 -1.94 17.40
N VAL B 75 5.90 -1.18 16.74
CA VAL B 75 6.89 -1.77 15.83
C VAL B 75 8.14 -2.17 16.57
N PRO B 76 8.61 -3.41 16.42
CA PRO B 76 9.88 -3.79 17.06
C PRO B 76 11.03 -2.95 16.51
N GLY B 77 12.00 -2.67 17.40
CA GLY B 77 13.07 -1.75 17.05
C GLY B 77 13.95 -2.24 15.92
N ALA B 78 14.03 -3.56 15.72
CA ALA B 78 14.80 -4.09 14.60
C ALA B 78 14.29 -3.56 13.26
N ILE B 79 13.00 -3.23 13.18
CA ILE B 79 12.42 -2.69 11.97
C ILE B 79 12.36 -1.16 12.00
N SER B 80 12.04 -0.59 13.16
CA SER B 80 11.86 0.86 13.23
C SER B 80 13.16 1.63 13.44
N LYS B 81 14.27 0.95 13.71
CA LYS B 81 15.54 1.63 13.93
C LYS B 81 15.90 2.53 12.75
N GLY B 82 16.24 3.78 13.04
CA GLY B 82 16.62 4.74 12.03
C GLY B 82 15.47 5.36 11.25
N LEU B 83 14.22 4.93 11.48
CA LEU B 83 13.10 5.49 10.75
C LEU B 83 12.51 6.74 11.39
N GLY B 84 12.85 7.03 12.63
CA GLY B 84 12.18 8.09 13.36
C GLY B 84 10.88 7.61 14.00
N ARG B 85 10.37 8.41 14.92
CA ARG B 85 9.22 8.02 15.75
C ARG B 85 7.92 8.42 15.04
N TYR B 86 7.58 7.65 14.01
CA TYR B 86 6.44 7.93 13.15
C TYR B 86 5.75 6.62 12.77
N ASP B 87 4.55 6.73 12.19
CA ASP B 87 3.83 5.55 11.70
C ASP B 87 4.69 4.80 10.68
N VAL B 88 4.56 3.48 10.68
CA VAL B 88 5.36 2.60 9.83
C VAL B 88 4.47 2.03 8.73
N PRO B 89 4.79 2.25 7.45
CA PRO B 89 3.93 1.77 6.36
C PRO B 89 4.20 0.30 6.06
N VAL B 90 3.13 -0.47 5.87
CA VAL B 90 3.26 -1.92 5.67
C VAL B 90 2.22 -2.41 4.68
N PHE B 91 2.24 -3.70 4.37
CA PHE B 91 1.12 -4.37 3.71
C PHE B 91 0.63 -5.47 4.63
N ARG B 92 -0.67 -5.51 4.85
CA ARG B 92 -1.23 -6.58 5.67
C ARG B 92 -1.40 -7.81 4.80
N LEU B 93 -0.85 -8.94 5.26
CA LEU B 93 -1.20 -10.25 4.72
C LEU B 93 -2.44 -10.65 5.50
N GLY B 94 -3.60 -10.34 4.94
CA GLY B 94 -4.83 -10.55 5.68
C GLY B 94 -5.29 -11.99 5.73
N ARG B 95 -4.92 -12.79 4.73
CA ARG B 95 -5.37 -14.18 4.64
C ARG B 95 -4.28 -15.02 3.99
N LEU B 96 -4.14 -16.25 4.47
CA LEU B 96 -3.27 -17.23 3.82
C LEU B 96 -3.81 -18.60 4.20
N ALA B 97 -4.05 -19.45 3.20
CA ALA B 97 -4.67 -20.74 3.46
C ALA B 97 -4.34 -21.72 2.35
N VAL B 98 -4.21 -22.99 2.74
CA VAL B 98 -3.97 -24.09 1.83
C VAL B 98 -5.02 -25.15 2.09
N ASP B 99 -5.56 -25.72 1.01
CA ASP B 99 -6.55 -26.78 1.16
C ASP B 99 -5.97 -27.94 1.95
N LYS B 100 -6.77 -28.47 2.88
CA LYS B 100 -6.24 -29.47 3.79
C LYS B 100 -5.66 -30.66 3.05
N SER B 101 -6.19 -30.98 1.87
CA SER B 101 -5.70 -32.12 1.11
C SER B 101 -4.30 -31.87 0.56
N MET B 102 -3.85 -30.63 0.55
CA MET B 102 -2.57 -30.26 -0.03
C MET B 102 -1.59 -29.74 1.02
N GLN B 103 -1.93 -29.79 2.30
CA GLN B 103 -1.10 -29.13 3.30
C GLN B 103 0.21 -29.88 3.54
N GLY B 104 1.18 -29.13 4.07
CA GLY B 104 2.50 -29.66 4.40
C GLY B 104 3.39 -29.95 3.21
N GLN B 105 3.00 -29.52 2.01
CA GLN B 105 3.74 -29.74 0.78
C GLN B 105 4.46 -28.49 0.28
N GLY B 106 4.62 -27.47 1.13
CA GLY B 106 5.33 -26.28 0.73
C GLY B 106 4.49 -25.22 0.02
N LEU B 107 3.20 -25.45 -0.15
CA LEU B 107 2.40 -24.45 -0.87
C LEU B 107 2.24 -23.19 -0.03
N GLY B 108 2.00 -23.33 1.28
CA GLY B 108 1.91 -22.15 2.12
C GLY B 108 3.19 -21.33 2.09
N ALA B 109 4.35 -21.99 2.15
CA ALA B 109 5.62 -21.27 2.11
C ALA B 109 5.78 -20.55 0.78
N GLN B 110 5.42 -21.20 -0.32
CA GLN B 110 5.53 -20.58 -1.63
C GLN B 110 4.59 -19.38 -1.72
N LEU B 111 3.39 -19.51 -1.16
CA LEU B 111 2.42 -18.41 -1.23
C LEU B 111 2.85 -17.23 -0.36
N LEU B 112 3.46 -17.50 0.81
CA LEU B 112 3.95 -16.40 1.63
C LEU B 112 5.04 -15.64 0.90
N LEU B 113 5.98 -16.37 0.29
CA LEU B 113 7.05 -15.72 -0.45
C LEU B 113 6.52 -15.00 -1.68
N SER B 114 5.47 -15.55 -2.31
CA SER B 114 4.87 -14.85 -3.45
C SER B 114 4.21 -13.55 -3.02
N ALA B 115 3.44 -13.60 -1.94
CA ALA B 115 2.84 -12.38 -1.38
C ALA B 115 3.92 -11.35 -1.08
N GLY B 116 5.00 -11.78 -0.42
CA GLY B 116 6.08 -10.84 -0.09
C GLY B 116 6.70 -10.23 -1.33
N LYS B 117 6.97 -11.06 -2.34
CA LYS B 117 7.52 -10.55 -3.59
C LYS B 117 6.56 -9.55 -4.24
N ARG B 118 5.26 -9.86 -4.24
CA ARG B 118 4.30 -8.95 -4.85
C ARG B 118 4.28 -7.62 -4.12
N CYS B 119 4.28 -7.66 -2.78
CA CYS B 119 4.23 -6.41 -2.03
C CYS B 119 5.55 -5.64 -2.11
N ILE B 120 6.68 -6.34 -2.16
CA ILE B 120 7.97 -5.66 -2.33
C ILE B 120 7.97 -4.90 -3.66
N GLN B 121 7.46 -5.54 -4.72
CA GLN B 121 7.42 -4.89 -6.02
CA GLN B 121 7.42 -4.89 -6.02
C GLN B 121 6.55 -3.64 -5.96
N ALA B 122 5.38 -3.73 -5.32
CA ALA B 122 4.51 -2.57 -5.23
C ALA B 122 5.16 -1.48 -4.38
N ALA B 123 5.86 -1.87 -3.32
CA ALA B 123 6.48 -0.90 -2.43
C ALA B 123 7.57 -0.10 -3.12
N LEU B 124 8.16 -0.63 -4.20
CA LEU B 124 9.14 0.16 -4.92
C LEU B 124 8.51 1.41 -5.50
N GLN B 125 7.21 1.36 -5.79
CA GLN B 125 6.49 2.51 -6.33
C GLN B 125 5.88 3.39 -5.25
N VAL B 126 5.33 2.79 -4.18
CA VAL B 126 4.45 3.49 -3.26
C VAL B 126 4.86 3.35 -1.80
N GLY B 127 5.97 2.67 -1.49
CA GLY B 127 6.41 2.55 -0.12
C GLY B 127 5.86 1.32 0.60
N GLY B 128 6.36 1.12 1.81
CA GLY B 128 6.03 -0.05 2.63
C GLY B 128 7.30 -0.83 2.93
N VAL B 129 7.42 -1.36 4.16
CA VAL B 129 8.65 -1.99 4.60
C VAL B 129 8.48 -3.41 5.13
N ALA B 130 7.26 -3.92 5.24
CA ALA B 130 7.08 -5.23 5.86
C ALA B 130 5.68 -5.72 5.54
N LEU B 131 5.47 -7.02 5.77
CA LEU B 131 4.16 -7.66 5.81
C LEU B 131 3.71 -7.72 7.27
N LEU B 132 2.46 -7.33 7.51
CA LEU B 132 1.85 -7.40 8.83
C LEU B 132 0.87 -8.56 8.86
N ILE B 133 1.02 -9.43 9.86
CA ILE B 133 0.30 -10.69 9.95
C ILE B 133 -0.35 -10.79 11.32
N ASP B 134 -1.65 -11.02 11.36
CA ASP B 134 -2.35 -11.37 12.61
C ASP B 134 -2.50 -12.88 12.65
N ALA B 135 -1.71 -13.54 13.49
CA ALA B 135 -1.73 -14.99 13.60
C ALA B 135 -2.94 -15.46 14.39
N LYS B 136 -3.54 -16.57 13.96
CA LYS B 136 -4.76 -17.06 14.57
C LYS B 136 -4.49 -17.64 15.96
N ASN B 137 -3.36 -18.28 16.16
CA ASN B 137 -3.04 -18.94 17.42
C ASN B 137 -1.53 -19.11 17.53
N LYS B 138 -1.09 -19.76 18.61
CA LYS B 138 0.34 -19.95 18.86
C LYS B 138 1.00 -20.76 17.75
N GLN B 139 0.33 -21.82 17.28
CA GLN B 139 0.90 -22.68 16.25
C GLN B 139 1.14 -21.92 14.96
N VAL B 140 0.14 -21.15 14.52
CA VAL B 140 0.29 -20.35 13.31
C VAL B 140 1.32 -19.25 13.52
N CYS B 141 1.32 -18.65 14.70
CA CYS B 141 2.33 -17.65 15.03
C CYS B 141 3.73 -18.24 14.89
N ASP B 142 3.92 -19.47 15.39
CA ASP B 142 5.22 -20.12 15.26
C ASP B 142 5.55 -20.40 13.80
N TRP B 143 4.55 -20.77 13.00
CA TRP B 143 4.80 -21.00 11.57
C TRP B 143 5.38 -19.75 10.91
N PHE B 144 4.77 -18.58 11.16
CA PHE B 144 5.31 -17.35 10.59
C PHE B 144 6.66 -16.96 11.17
N LYS B 145 6.87 -17.21 12.49
CA LYS B 145 8.17 -16.92 13.07
C LYS B 145 9.27 -17.74 12.41
N GLY B 146 8.93 -18.90 11.86
CA GLY B 146 9.95 -19.69 11.18
C GLY B 146 10.45 -19.07 9.89
N PHE B 147 9.78 -18.02 9.39
CA PHE B 147 10.24 -17.27 8.23
C PHE B 147 10.84 -15.93 8.62
N GLY B 148 11.01 -15.68 9.91
CA GLY B 148 11.61 -14.47 10.40
C GLY B 148 10.64 -13.39 10.78
N ALA B 149 9.36 -13.69 10.86
CA ALA B 149 8.39 -12.71 11.35
C ALA B 149 8.62 -12.49 12.85
N VAL B 150 8.44 -11.25 13.30
CA VAL B 150 8.73 -10.80 14.66
CA VAL B 150 8.69 -10.89 14.68
C VAL B 150 7.48 -10.22 15.29
N PRO B 151 7.14 -10.56 16.54
N PRO B 151 7.19 -10.48 16.57
CA PRO B 151 5.91 -10.02 17.15
CA PRO B 151 5.95 -9.98 17.17
C PRO B 151 5.94 -8.51 17.38
C PRO B 151 5.96 -8.48 17.36
N LEU B 152 4.76 -7.91 17.31
CA LEU B 152 4.58 -6.53 17.71
C LEU B 152 4.84 -6.38 19.20
N ASN B 153 5.09 -5.13 19.62
CA ASN B 153 5.64 -4.91 20.96
C ASN B 153 4.67 -5.34 22.06
N ASP B 154 3.38 -5.09 21.88
CA ASP B 154 2.40 -5.43 22.90
C ASP B 154 1.30 -6.37 22.40
N GLN B 155 1.43 -6.91 21.20
CA GLN B 155 0.45 -7.84 20.64
C GLN B 155 1.22 -9.06 20.17
N PRO B 156 1.34 -10.09 21.03
CA PRO B 156 2.23 -11.22 20.71
C PRO B 156 1.78 -12.07 19.52
N LEU B 157 0.50 -12.05 19.15
CA LEU B 157 0.04 -12.82 18.00
C LEU B 157 0.03 -12.02 16.71
N SER B 158 0.38 -10.74 16.74
CA SER B 158 0.52 -9.94 15.52
C SER B 158 2.00 -9.84 15.21
N LEU B 159 2.36 -10.04 13.95
CA LEU B 159 3.76 -10.16 13.56
C LEU B 159 4.08 -9.25 12.39
N LEU B 160 5.36 -8.86 12.30
CA LEU B 160 5.89 -8.14 11.15
C LEU B 160 6.97 -9.00 10.52
N LEU B 161 6.88 -9.20 9.21
CA LEU B 161 7.91 -9.89 8.45
C LEU B 161 8.53 -8.87 7.51
N SER B 162 9.74 -8.43 7.82
CA SER B 162 10.26 -7.28 7.11
C SER B 162 10.62 -7.65 5.68
N PHE B 163 10.55 -6.65 4.80
CA PHE B 163 10.97 -6.86 3.43
C PHE B 163 12.46 -7.14 3.34
N LYS B 164 13.25 -6.64 4.29
CA LYS B 164 14.66 -7.00 4.37
C LYS B 164 14.81 -8.51 4.56
N THR B 165 14.05 -9.07 5.50
CA THR B 165 14.10 -10.51 5.73
C THR B 165 13.60 -11.27 4.52
N LEU B 166 12.44 -10.87 3.98
CA LEU B 166 11.86 -11.53 2.83
C LEU B 166 12.76 -11.46 1.61
N TYR B 167 13.39 -10.30 1.35
CA TYR B 167 14.26 -10.19 0.19
C TYR B 167 15.43 -11.16 0.30
N ALA B 168 16.02 -11.26 1.49
CA ALA B 168 17.14 -12.18 1.72
C ALA B 168 16.70 -13.62 1.51
N ALA B 169 15.47 -13.95 1.92
CA ALA B 169 14.97 -15.32 1.74
C ALA B 169 14.69 -15.63 0.28
N LEU B 170 14.10 -14.67 -0.44
CA LEU B 170 13.94 -14.83 -1.89
C LEU B 170 15.30 -15.00 -2.57
N SER B 171 16.28 -14.20 -2.17
CA SER B 171 17.62 -14.30 -2.75
C SER B 171 18.21 -15.69 -2.51
N ALA B 172 18.21 -16.14 -1.25
CA ALA B 172 18.86 -17.39 -0.91
C ALA B 172 18.16 -18.59 -1.54
N SER B 173 16.88 -18.45 -1.88
CA SER B 173 16.13 -19.53 -2.49
C SER B 173 15.98 -19.39 -3.99
N GLY B 174 16.64 -18.40 -4.58
CA GLY B 174 16.61 -18.24 -6.02
C GLY B 174 15.27 -17.80 -6.56
N ARG B 175 14.49 -17.07 -5.77
CA ARG B 175 13.13 -16.69 -6.13
C ARG B 175 12.98 -15.22 -6.46
N LEU B 176 14.09 -14.47 -6.53
CA LEU B 176 14.02 -13.05 -6.84
C LEU B 176 13.41 -12.81 -8.22
N1A ACO C . -10.66 21.69 -10.36
C2A ACO C . -9.97 21.68 -11.54
N3A ACO C . -8.74 22.16 -11.84
C4A ACO C . -8.16 22.74 -10.76
C5A ACO C . -8.75 22.85 -9.48
C6A ACO C . -10.03 22.30 -9.32
N6A ACO C . -10.64 22.35 -8.09
N7A ACO C . -7.89 23.49 -8.58
C8A ACO C . -6.81 23.79 -9.32
N9A ACO C . -6.94 23.36 -10.64
C1B ACO C . -5.96 23.50 -11.71
C2B ACO C . -6.45 24.49 -12.81
O2B ACO C . -5.78 24.23 -13.99
C3B ACO C . -5.97 25.84 -12.18
O3B ACO C . -5.71 26.76 -13.13
P3B ACO C . -7.10 27.91 -13.39
O7A ACO C . -7.70 27.22 -14.57
O8A ACO C . -7.88 27.94 -12.10
O9A ACO C . -6.32 29.14 -13.76
C4B ACO C . -4.63 25.39 -11.55
O4B ACO C . -4.83 24.05 -11.09
C5B ACO C . -4.24 26.23 -10.33
O5B ACO C . -2.87 25.92 -9.96
P1A ACO C . -2.83 24.77 -8.75
O1A ACO C . -4.14 24.81 -8.03
O2A ACO C . -2.22 23.49 -9.21
O3A ACO C . -1.87 25.61 -7.62
P2A ACO C . -0.34 25.19 -7.23
O4A ACO C . 0.09 26.39 -6.44
O5A ACO C . 0.51 24.62 -8.32
O6A ACO C . -0.52 23.86 -6.11
CBP ACO C . -0.34 23.90 -3.75
CCP ACO C . -1.23 24.22 -4.97
CDP ACO C . 0.19 22.48 -3.87
CEP ACO C . -1.15 24.10 -2.47
CAP ACO C . 0.79 24.94 -3.80
OAP ACO C . 0.28 26.23 -3.73
C9P ACO C . 1.81 24.77 -2.64
O9P ACO C . 2.82 24.10 -2.76
N8P ACO C . 1.55 25.46 -1.45
C7P ACO C . 2.49 25.43 -0.28
C6P ACO C . 2.72 24.03 0.25
C5P ACO C . 1.43 23.43 0.74
O5P ACO C . 0.57 24.01 1.37
N4P ACO C . 1.26 22.09 0.42
C3P ACO C . 0.04 21.39 0.84
C2P ACO C . 0.19 21.01 2.29
S1P ACO C . -0.94 19.60 2.55
C ACO C . 0.24 18.23 2.09
O ACO C . 1.47 18.32 2.19
CH3 ACO C . -0.38 16.99 1.56
N1 BCN D . -3.47 29.60 -3.12
C1 BCN D . -4.28 29.13 -1.97
C2 BCN D . -4.44 27.58 -1.79
O21 BCN D . -3.71 26.95 -1.00
O22 BCN D . -5.35 27.10 -2.49
C3 BCN D . -2.21 30.32 -2.72
C4 BCN D . -2.21 31.83 -3.12
O4 BCN D . -2.75 32.66 -2.14
C5 BCN D . -3.15 28.52 -4.13
C6 BCN D . -1.86 28.79 -4.94
O6 BCN D . -1.96 28.22 -6.20
C1 GOL E . -5.69 10.97 9.83
O1 GOL E . -4.54 11.14 9.03
C2 GOL E . -5.50 9.75 10.72
O2 GOL E . -4.16 9.33 10.66
C3 GOL E . -5.84 10.13 12.16
O3 GOL E . -6.16 8.96 12.88
N1A ACO F . 11.89 -22.53 6.56
C2A ACO F . 11.99 -23.05 5.31
N3A ACO F . 11.09 -23.74 4.59
C4A ACO F . 9.93 -23.92 5.27
C5A ACO F . 9.67 -23.46 6.57
C6A ACO F . 10.71 -22.75 7.20
N6A ACO F . 10.51 -22.27 8.45
N7A ACO F . 8.38 -23.80 6.99
C8A ACO F . 7.87 -24.46 5.94
N9A ACO F . 8.77 -24.56 4.88
C1B ACO F . 8.56 -25.22 3.57
C2B ACO F . 9.43 -26.49 3.48
O2B ACO F . 9.63 -26.79 2.14
C3B ACO F . 8.49 -27.48 4.23
O3B ACO F . 8.67 -28.76 3.85
P3B ACO F . 9.83 -29.72 4.83
O7A ACO F . 9.66 -29.14 6.19
O8A ACO F . 11.14 -29.56 4.13
O9A ACO F . 9.14 -31.07 4.73
C4B ACO F . 7.13 -27.04 3.68
O4B ACO F . 7.20 -25.61 3.48
C5B ACO F . 5.98 -27.34 4.63
O5B ACO F . 4.76 -26.99 3.90
P1A ACO F . 4.15 -25.54 4.44
O1A ACO F . 4.01 -24.63 3.29
O2A ACO F . 4.75 -25.19 5.78
O3A ACO F . 2.62 -26.08 4.94
P2A ACO F . 1.21 -25.67 4.28
O4A ACO F . 1.27 -25.66 2.80
O5A ACO F . 0.20 -26.44 5.06
O6A ACO F . 0.97 -24.00 4.72
CBP ACO F . -0.57 -23.13 6.31
CCP ACO F . 0.75 -23.91 6.09
CDP ACO F . -0.66 -21.97 5.32
CEP ACO F . -0.62 -22.63 7.76
CAP ACO F . -1.64 -24.20 6.08
OAP ACO F . -1.44 -25.29 6.91
C9P ACO F . -3.07 -23.67 6.32
O9P ACO F . -3.72 -23.12 5.42
N8P ACO F . -3.59 -23.83 7.61
C7P ACO F . -4.94 -23.43 8.01
C6P ACO F . -5.22 -21.96 7.70
C5P ACO F . -4.33 -21.08 8.54
O5P ACO F . -4.02 -21.31 9.70
N4P ACO F . -3.88 -19.94 7.89
C3P ACO F . -3.02 -18.93 8.55
C2P ACO F . -3.92 -18.15 9.50
S1P ACO F . -3.10 -16.58 9.89
C ACO F . -3.64 -15.60 8.43
O ACO F . -4.63 -15.88 7.75
CH3 ACO F . -2.82 -14.40 8.10
C1 GOL G . 14.61 -5.32 0.46
O1 GOL G . 14.97 -4.45 1.50
C2 GOL G . 13.33 -4.85 -0.22
O2 GOL G . 12.97 -3.57 0.24
C3 GOL G . 13.55 -4.81 -1.73
O3 GOL G . 12.86 -3.71 -2.26
#